data_2OMP
# 
_entry.id   2OMP 
# 
_audit_conform.dict_name       mmcif_pdbx.dic 
_audit_conform.dict_version    5.389 
_audit_conform.dict_location   http://mmcif.pdb.org/dictionaries/ascii/mmcif_pdbx.dic 
# 
loop_
_database_2.database_id 
_database_2.database_code 
_database_2.pdbx_database_accession 
_database_2.pdbx_DOI 
PDB   2OMP         pdb_00002omp 10.2210/pdb2omp/pdb 
RCSB  RCSB041326   ?            ?                   
WWPDB D_1000041326 ?            ?                   
# 
loop_
_pdbx_audit_revision_history.ordinal 
_pdbx_audit_revision_history.data_content_type 
_pdbx_audit_revision_history.major_revision 
_pdbx_audit_revision_history.minor_revision 
_pdbx_audit_revision_history.revision_date 
1 'Structure model' 1 0 2007-01-30 
2 'Structure model' 1 1 2008-05-01 
3 'Structure model' 1 2 2011-07-13 
4 'Structure model' 1 3 2017-10-18 
5 'Structure model' 1 4 2023-12-27 
6 'Structure model' 1 5 2024-04-03 
# 
_pdbx_audit_revision_details.ordinal             1 
_pdbx_audit_revision_details.revision_ordinal    1 
_pdbx_audit_revision_details.data_content_type   'Structure model' 
_pdbx_audit_revision_details.provider            repository 
_pdbx_audit_revision_details.type                'Initial release' 
_pdbx_audit_revision_details.description         ? 
_pdbx_audit_revision_details.details             ? 
# 
loop_
_pdbx_audit_revision_group.ordinal 
_pdbx_audit_revision_group.revision_ordinal 
_pdbx_audit_revision_group.data_content_type 
_pdbx_audit_revision_group.group 
1 2 'Structure model' 'Version format compliance' 
2 3 'Structure model' Advisory                    
3 3 'Structure model' 'Version format compliance' 
4 4 'Structure model' 'Refinement description'    
5 5 'Structure model' 'Data collection'           
6 5 'Structure model' 'Database references'       
7 6 'Structure model' 'Refinement description'    
# 
loop_
_pdbx_audit_revision_category.ordinal 
_pdbx_audit_revision_category.revision_ordinal 
_pdbx_audit_revision_category.data_content_type 
_pdbx_audit_revision_category.category 
1 4 'Structure model' software                      
2 5 'Structure model' chem_comp_atom                
3 5 'Structure model' chem_comp_bond                
4 5 'Structure model' database_2                    
5 6 'Structure model' pdbx_initial_refinement_model 
# 
loop_
_pdbx_audit_revision_item.ordinal 
_pdbx_audit_revision_item.revision_ordinal 
_pdbx_audit_revision_item.data_content_type 
_pdbx_audit_revision_item.item 
1 5 'Structure model' '_database_2.pdbx_DOI'                
2 5 'Structure model' '_database_2.pdbx_database_accession' 
# 
_pdbx_database_status.entry_id                        2OMP 
_pdbx_database_status.deposit_site                    RCSB 
_pdbx_database_status.process_site                    RCSB 
_pdbx_database_status.recvd_initial_deposition_date   2007-01-22 
_pdbx_database_status.status_code                     REL 
_pdbx_database_status.status_code_sf                  REL 
_pdbx_database_status.status_code_mr                  ? 
_pdbx_database_status.SG_entry                        ? 
_pdbx_database_status.pdb_format_compatible           Y 
_pdbx_database_status.status_code_cs                  ? 
_pdbx_database_status.methods_development_category    ? 
_pdbx_database_status.status_code_nmr_data            ? 
# 
loop_
_audit_author.name 
_audit_author.pdbx_ordinal 
'Ivanova, M.I.' 1 
'Sawaya, M.R.'  2 
'Eisenberg, D.' 3 
# 
_citation.id                        primary 
_citation.title                     'Atomic structures of amyloid cross-beta spines reveal varied steric zippers.' 
_citation.journal_abbrev            Nature 
_citation.journal_volume            447 
_citation.page_first                453 
_citation.page_last                 457 
_citation.year                      2007 
_citation.journal_id_ASTM           NATUAS 
_citation.country                   UK 
_citation.journal_id_ISSN           0028-0836 
_citation.journal_id_CSD            0006 
_citation.book_publisher            ? 
_citation.pdbx_database_id_PubMed   17468747 
_citation.pdbx_database_id_DOI      10.1038/nature05695 
# 
loop_
_citation_author.citation_id 
_citation_author.name 
_citation_author.ordinal 
_citation_author.identifier_ORCID 
primary 'Sawaya, M.R.'    1  ? 
primary 'Sambashivan, S.' 2  ? 
primary 'Nelson, R.'      3  ? 
primary 'Ivanova, M.I.'   4  ? 
primary 'Sievers, S.A.'   5  ? 
primary 'Apostol, M.I.'   6  ? 
primary 'Thompson, M.J.'  7  ? 
primary 'Balbirnie, M.'   8  ? 
primary 'Wiltzius, J.J.'  9  ? 
primary 'McFarlane, H.T.' 10 ? 
primary 'Madsen, A.O.'    11 ? 
primary 'Riekel, C.'      12 ? 
primary 'Eisenberg, D.'   13 ? 
# 
loop_
_entity.id 
_entity.type 
_entity.src_method 
_entity.pdbx_description 
_entity.formula_weight 
_entity.pdbx_number_of_molecules 
_entity.pdbx_ec 
_entity.pdbx_mutation 
_entity.pdbx_fragment 
_entity.details 
1 polymer syn 'LYQLEN peptide derived from human insulin chain A, residues 13-18' 778.850 2 ? ? 'residues 13-18' ? 
2 water   nat water                                                               18.015  6 ? ? ?                ? 
# 
_entity_poly.entity_id                      1 
_entity_poly.type                           'polypeptide(L)' 
_entity_poly.nstd_linkage                   no 
_entity_poly.nstd_monomer                   no 
_entity_poly.pdbx_seq_one_letter_code       LYQLEN 
_entity_poly.pdbx_seq_one_letter_code_can   LYQLEN 
_entity_poly.pdbx_strand_id                 A,B 
_entity_poly.pdbx_target_identifier         ? 
# 
_pdbx_entity_nonpoly.entity_id   2 
_pdbx_entity_nonpoly.name        water 
_pdbx_entity_nonpoly.comp_id     HOH 
# 
loop_
_entity_poly_seq.entity_id 
_entity_poly_seq.num 
_entity_poly_seq.mon_id 
_entity_poly_seq.hetero 
1 1 LEU n 
1 2 TYR n 
1 3 GLN n 
1 4 LEU n 
1 5 GLU n 
1 6 ASN n 
# 
loop_
_chem_comp.id 
_chem_comp.type 
_chem_comp.mon_nstd_flag 
_chem_comp.name 
_chem_comp.pdbx_synonyms 
_chem_comp.formula 
_chem_comp.formula_weight 
ASN 'L-peptide linking' y ASPARAGINE      ? 'C4 H8 N2 O3'  132.118 
GLN 'L-peptide linking' y GLUTAMINE       ? 'C5 H10 N2 O3' 146.144 
GLU 'L-peptide linking' y 'GLUTAMIC ACID' ? 'C5 H9 N O4'   147.129 
HOH non-polymer         . WATER           ? 'H2 O'         18.015  
LEU 'L-peptide linking' y LEUCINE         ? 'C6 H13 N O2'  131.173 
TYR 'L-peptide linking' y TYROSINE        ? 'C9 H11 N O3'  181.189 
# 
loop_
_pdbx_poly_seq_scheme.asym_id 
_pdbx_poly_seq_scheme.entity_id 
_pdbx_poly_seq_scheme.seq_id 
_pdbx_poly_seq_scheme.mon_id 
_pdbx_poly_seq_scheme.ndb_seq_num 
_pdbx_poly_seq_scheme.pdb_seq_num 
_pdbx_poly_seq_scheme.auth_seq_num 
_pdbx_poly_seq_scheme.pdb_mon_id 
_pdbx_poly_seq_scheme.auth_mon_id 
_pdbx_poly_seq_scheme.pdb_strand_id 
_pdbx_poly_seq_scheme.pdb_ins_code 
_pdbx_poly_seq_scheme.hetero 
A 1 1 LEU 1 1 1 LEU LEU A . n 
A 1 2 TYR 2 2 2 TYR TYR A . n 
A 1 3 GLN 3 3 3 GLN GLN A . n 
A 1 4 LEU 4 4 4 LEU LEU A . n 
A 1 5 GLU 5 5 5 GLU GLU A . n 
A 1 6 ASN 6 6 6 ASN ASN A . n 
B 1 1 LEU 1 1 1 LEU LEU B . n 
B 1 2 TYR 2 2 2 TYR TYR B . n 
B 1 3 GLN 3 3 3 GLN GLN B . n 
B 1 4 LEU 4 4 4 LEU LEU B . n 
B 1 5 GLU 5 5 5 GLU GLU B . n 
B 1 6 ASN 6 6 6 ASN ASN B . n 
# 
loop_
_pdbx_nonpoly_scheme.asym_id 
_pdbx_nonpoly_scheme.entity_id 
_pdbx_nonpoly_scheme.mon_id 
_pdbx_nonpoly_scheme.ndb_seq_num 
_pdbx_nonpoly_scheme.pdb_seq_num 
_pdbx_nonpoly_scheme.auth_seq_num 
_pdbx_nonpoly_scheme.pdb_mon_id 
_pdbx_nonpoly_scheme.auth_mon_id 
_pdbx_nonpoly_scheme.pdb_strand_id 
_pdbx_nonpoly_scheme.pdb_ins_code 
C 2 HOH 1 7 1 HOH HOH A . 
C 2 HOH 2 8 2 HOH HOH A . 
C 2 HOH 3 9 3 HOH HOH A . 
D 2 HOH 1 7 4 HOH HOH B . 
D 2 HOH 2 8 5 HOH HOH B . 
D 2 HOH 3 9 6 HOH HOH B . 
# 
loop_
_software.name 
_software.version 
_software.date 
_software.type 
_software.contact_author 
_software.contact_author_email 
_software.classification 
_software.location 
_software.language 
_software.citation_id 
_software.pdbx_ordinal 
DENZO       .     ?                package 'Zbyszek Otwinowski' zbyszek@mix.swmed.edu       'data reduction'  
http://www.lnls.br/infra/linhasluz/denzo-hkl.htm ?          ? 1 
SCALEPACK   .     ?                package 'Zbyszek Otwinowski' zbyszek@mix.swmed.edu       'data scaling'    
http://www.lnls.br/infra/linhasluz/denzo-hkl.htm ?          ? 2 
PHASER      .     ?                other   'R. J. Read'         cimr-phaser@lists.cam.ac.uk phasing           
http://www-structmed.cimr.cam.ac.uk/phaser/      ?          ? 3 
REFMAC      .     ?                program 'Murshudov, G.N.'    ccp4@dl.ac.uk               refinement        
http://www.ccp4.ac.uk/main.html                  Fortran_77 ? 4 
PDB_EXTRACT 2.000 'April. 3, 2006' package PDB                  sw-help@rcsb.rutgers.edu    'data extraction' 
http://pdb.rutgers.edu/software/                 C++        ? 5 
# 
_cell.length_a           9.666 
_cell.length_b           28.003 
_cell.length_c           17.346 
_cell.angle_alpha        90.000 
_cell.angle_beta         96.240 
_cell.angle_gamma        90.000 
_cell.entry_id           2OMP 
_cell.pdbx_unique_axis   ? 
_cell.Z_PDB              4 
_cell.length_a_esd       ? 
_cell.length_b_esd       ? 
_cell.length_c_esd       ? 
_cell.angle_alpha_esd    ? 
_cell.angle_beta_esd     ? 
_cell.angle_gamma_esd    ? 
# 
_symmetry.space_group_name_H-M             'P 1 21 1' 
_symmetry.entry_id                         2OMP 
_symmetry.Int_Tables_number                4 
_symmetry.pdbx_full_space_group_name_H-M   ? 
_symmetry.cell_setting                     ? 
_symmetry.space_group_name_Hall            ? 
# 
_exptl.crystals_number   1 
_exptl.entry_id          2OMP 
_exptl.method            'X-RAY DIFFRACTION' 
# 
_exptl_crystal.id                    1 
_exptl_crystal.density_Matthews      ? 
_exptl_crystal.density_meas          ? 
_exptl_crystal.density_percent_sol   ? 
_exptl_crystal.description           ? 
_exptl_crystal.F_000                 ? 
_exptl_crystal.preparation           ? 
# 
_exptl_crystal_grow.crystal_id      1 
_exptl_crystal_grow.method          'VAPOR DIFFUSION, HANGING DROP' 
_exptl_crystal_grow.pH              2.5 
_exptl_crystal_grow.temp            310 
_exptl_crystal_grow.temp_details    ? 
_exptl_crystal_grow.pdbx_details    
'20mM peptide in 100 mM NaCl and 50 mM phosphate, pH 2.5, VAPOR DIFFUSION, HANGING DROP, temperature 310K' 
_exptl_crystal_grow.pdbx_pH_range   . 
# 
_diffrn.id                     1 
_diffrn.ambient_temp           100 
_diffrn.ambient_temp_details   ? 
_diffrn.crystal_id             1 
# 
_diffrn_detector.diffrn_id              1 
_diffrn_detector.detector               CCD 
_diffrn_detector.type                   'MAR CCD 165 mm' 
_diffrn_detector.pdbx_collection_date   2005-07-16 
_diffrn_detector.details                ? 
# 
_diffrn_radiation.diffrn_id                        1 
_diffrn_radiation.wavelength_id                    1 
_diffrn_radiation.pdbx_diffrn_protocol             'SINGLE WAVELENGTH' 
_diffrn_radiation.monochromator                    ? 
_diffrn_radiation.pdbx_monochromatic_or_laue_m_l   M 
_diffrn_radiation.pdbx_scattering_type             x-ray 
# 
_diffrn_radiation_wavelength.id           1 
_diffrn_radiation_wavelength.wavelength   0.94660 
_diffrn_radiation_wavelength.wt           1.0 
# 
_diffrn_source.diffrn_id                   1 
_diffrn_source.source                      SYNCHROTRON 
_diffrn_source.type                        'ESRF BEAMLINE ID13' 
_diffrn_source.pdbx_wavelength             0.94660 
_diffrn_source.pdbx_wavelength_list        ? 
_diffrn_source.pdbx_synchrotron_site       ESRF 
_diffrn_source.pdbx_synchrotron_beamline   ID13 
# 
_reflns.entry_id                     2OMP 
_reflns.d_resolution_high            1.800 
_reflns.d_resolution_low             90.000 
_reflns.number_obs                   752 
_reflns.pdbx_Rmerge_I_obs            0.186 
_reflns.pdbx_netI_over_sigmaI        4.800 
_reflns.pdbx_chi_squared             1.110 
_reflns.pdbx_redundancy              2.100 
_reflns.percent_possible_obs         91.000 
_reflns.observed_criterion_sigma_F   ? 
_reflns.observed_criterion_sigma_I   0 
_reflns.number_all                   ? 
_reflns.pdbx_Rsym_value              ? 
_reflns.B_iso_Wilson_estimate        15.2 
_reflns.R_free_details               ? 
_reflns.limit_h_max                  ? 
_reflns.limit_h_min                  ? 
_reflns.limit_k_max                  ? 
_reflns.limit_k_min                  ? 
_reflns.limit_l_max                  ? 
_reflns.limit_l_min                  ? 
_reflns.observed_criterion_F_max     ? 
_reflns.observed_criterion_F_min     ? 
_reflns.pdbx_scaling_rejects         ? 
_reflns.pdbx_ordinal                 1 
_reflns.pdbx_diffrn_id               1 
# 
loop_
_reflns_shell.d_res_high 
_reflns_shell.d_res_low 
_reflns_shell.number_measured_obs 
_reflns_shell.number_measured_all 
_reflns_shell.number_unique_obs 
_reflns_shell.Rmerge_I_obs 
_reflns_shell.meanI_over_sigI_obs 
_reflns_shell.pdbx_Rsym_value 
_reflns_shell.pdbx_chi_squared 
_reflns_shell.pdbx_redundancy 
_reflns_shell.percent_possible_obs 
_reflns_shell.number_unique_all 
_reflns_shell.percent_possible_all 
_reflns_shell.pdbx_ordinal 
_reflns_shell.pdbx_diffrn_id 
1.80 1.94  ? ? ? 0.402 ? ? 1.051 1.90 ? 137 83.50 1 1 
1.94 2.13  ? ? ? 0.28  ? ? 1.079 2.00 ? 142 89.30 2 1 
2.13 2.44  ? ? ? 0.263 ? ? 1.070 2.00 ? 154 90.10 3 1 
2.44 3.08  ? ? ? 0.183 ? ? 1.122 2.20 ? 159 97.00 4 1 
3.08 90.00 ? ? ? 0.13  ? ? 1.185 2.30 ? 160 95.20 5 1 
# 
_refine.entry_id                                 2OMP 
_refine.ls_d_res_high                            1.900 
_refine.ls_d_res_low                             17.240 
_refine.pdbx_ls_sigma_F                          0.00 
_refine.ls_percent_reflns_obs                    91.910 
_refine.ls_number_reflns_obs                     682 
_refine.pdbx_ls_cross_valid_method               THROUGHOUT 
_refine.pdbx_R_Free_selection_details            RANDOM 
_refine.details                                  'HYDROGENS HAVE BEEN ADDED IN THE RIDING POSITIONS' 
_refine.ls_R_factor_obs                          0.191 
_refine.ls_R_factor_R_work                       0.189 
_refine.ls_R_factor_R_free                       0.228 
_refine.ls_percent_reflns_R_free                 6.000 
_refine.ls_number_reflns_R_free                  41 
_refine.B_iso_mean                               5.283 
_refine.aniso_B[1][1]                            -0.390 
_refine.aniso_B[2][2]                            -0.060 
_refine.aniso_B[3][3]                            0.380 
_refine.aniso_B[1][2]                            0.000 
_refine.aniso_B[1][3]                            -0.290 
_refine.aniso_B[2][3]                            0.000 
_refine.correlation_coeff_Fo_to_Fc               0.947 
_refine.correlation_coeff_Fo_to_Fc_free          0.810 
_refine.pdbx_overall_ESU_R                       0.320 
_refine.pdbx_overall_ESU_R_Free                  0.196 
_refine.overall_SU_ML                            0.118 
_refine.overall_SU_B                             9.051 
_refine.solvent_model_details                    MASK 
_refine.pdbx_solvent_vdw_probe_radii             1.200 
_refine.pdbx_solvent_ion_probe_radii             0.800 
_refine.pdbx_solvent_shrinkage_radii             0.800 
_refine.pdbx_stereochemistry_target_values       'MAXIMUM LIKELIHOOD' 
_refine.pdbx_ls_sigma_I                          ? 
_refine.ls_number_reflns_all                     ? 
_refine.ls_R_factor_all                          ? 
_refine.ls_redundancy_reflns_obs                 ? 
_refine.pdbx_data_cutoff_high_absF               ? 
_refine.pdbx_data_cutoff_low_absF                ? 
_refine.ls_number_parameters                     ? 
_refine.ls_number_restraints                     ? 
_refine.ls_R_factor_R_free_error                 ? 
_refine.ls_R_factor_R_free_error_details         ? 
_refine.pdbx_method_to_determine_struct          'MOLECULAR REPLACEMENT' 
_refine.pdbx_starting_model                      'idealized beta strands, polyalanine' 
_refine.pdbx_stereochem_target_val_spec_case     ? 
_refine.solvent_model_param_bsol                 ? 
_refine.solvent_model_param_ksol                 ? 
_refine.occupancy_max                            ? 
_refine.occupancy_min                            ? 
_refine.pdbx_isotropic_thermal_model             ? 
_refine.B_iso_min                                ? 
_refine.B_iso_max                                ? 
_refine.overall_SU_R_Cruickshank_DPI             ? 
_refine.overall_SU_R_free                        ? 
_refine.pdbx_data_cutoff_high_rms_absF           ? 
_refine.ls_wR_factor_R_free                      ? 
_refine.ls_wR_factor_R_work                      ? 
_refine.overall_FOM_free_R_set                   ? 
_refine.overall_FOM_work_R_set                   ? 
_refine.pdbx_refine_id                           'X-RAY DIFFRACTION' 
_refine.pdbx_TLS_residual_ADP_flag               'LIKELY RESIDUAL' 
_refine.pdbx_diffrn_id                           1 
_refine.pdbx_overall_phase_error                 ? 
_refine.pdbx_overall_SU_R_free_Cruickshank_DPI   ? 
_refine.pdbx_overall_SU_R_Blow_DPI               ? 
_refine.pdbx_overall_SU_R_free_Blow_DPI          ? 
# 
_refine_hist.pdbx_refine_id                   'X-RAY DIFFRACTION' 
_refine_hist.cycle_id                         LAST 
_refine_hist.pdbx_number_atoms_protein        110 
_refine_hist.pdbx_number_atoms_nucleic_acid   0 
_refine_hist.pdbx_number_atoms_ligand         0 
_refine_hist.number_atoms_solvent             6 
_refine_hist.number_atoms_total               116 
_refine_hist.d_res_high                       1.900 
_refine_hist.d_res_low                        17.240 
# 
loop_
_refine_ls_restr.type 
_refine_ls_restr.number 
_refine_ls_restr.dev_ideal 
_refine_ls_restr.dev_ideal_target 
_refine_ls_restr.weight 
_refine_ls_restr.pdbx_refine_id 
_refine_ls_restr.pdbx_restraint_function 
r_bond_refined_d         113 0.008  0.022  ? 'X-RAY DIFFRACTION' ? 
r_bond_other_d           103 0.012  0.020  ? 'X-RAY DIFFRACTION' ? 
r_angle_refined_deg      152 1.357  2.072  ? 'X-RAY DIFFRACTION' ? 
r_angle_other_deg        241 2.015  3.000  ? 'X-RAY DIFFRACTION' ? 
r_dihedral_angle_1_deg   10  5.755  5.000  ? 'X-RAY DIFFRACTION' ? 
r_dihedral_angle_2_deg   8   45.743 27.500 ? 'X-RAY DIFFRACTION' ? 
r_dihedral_angle_3_deg   22  18.223 15.000 ? 'X-RAY DIFFRACTION' ? 
r_chiral_restr           17  0.041  0.200  ? 'X-RAY DIFFRACTION' ? 
r_gen_planes_refined     118 0.002  0.020  ? 'X-RAY DIFFRACTION' ? 
r_gen_planes_other       18  0.001  0.020  ? 'X-RAY DIFFRACTION' ? 
r_nbd_refined            11  0.190  0.200  ? 'X-RAY DIFFRACTION' ? 
r_nbd_other              62  0.201  0.200  ? 'X-RAY DIFFRACTION' ? 
r_nbtor_refined          35  0.194  0.200  ? 'X-RAY DIFFRACTION' ? 
r_nbtor_other            70  0.090  0.200  ? 'X-RAY DIFFRACTION' ? 
r_xyhbond_nbd_refined    1   0.126  0.200  ? 'X-RAY DIFFRACTION' ? 
r_symmetry_vdw_refined   3   0.264  0.200  ? 'X-RAY DIFFRACTION' ? 
r_symmetry_vdw_other     19  0.186  0.200  ? 'X-RAY DIFFRACTION' ? 
r_symmetry_hbond_refined 4   0.211  0.200  ? 'X-RAY DIFFRACTION' ? 
r_mcbond_it              91  3.237  1.500  ? 'X-RAY DIFFRACTION' ? 
r_mcbond_other           28  0.045  1.500  ? 'X-RAY DIFFRACTION' ? 
r_mcangle_it             95  2.389  2.000  ? 'X-RAY DIFFRACTION' ? 
r_scbond_it              69  5.139  3.000  ? 'X-RAY DIFFRACTION' ? 
r_scangle_it             57  5.465  4.500  ? 'X-RAY DIFFRACTION' ? 
# 
_refine_ls_shell.d_res_high                       1.900 
_refine_ls_shell.d_res_low                        1.949 
_refine_ls_shell.pdbx_total_number_of_bins_used   20 
_refine_ls_shell.percent_reflns_obs               75.000 
_refine_ls_shell.number_reflns_R_work             38 
_refine_ls_shell.R_factor_all                     ? 
_refine_ls_shell.R_factor_R_work                  0.311 
_refine_ls_shell.R_factor_R_free                  0.288 
_refine_ls_shell.percent_reflns_R_free            ? 
_refine_ls_shell.number_reflns_R_free             4 
_refine_ls_shell.R_factor_R_free_error            ? 
_refine_ls_shell.number_reflns_all                ? 
_refine_ls_shell.number_reflns_obs                42 
_refine_ls_shell.redundancy_reflns_obs            ? 
_refine_ls_shell.pdbx_refine_id                   'X-RAY DIFFRACTION' 
# 
_struct.entry_id                  2OMP 
_struct.title                     'LYQLEN peptide derived from human insulin chain A, residues 13-18' 
_struct.pdbx_model_details        ? 
_struct.pdbx_CASP_flag            ? 
_struct.pdbx_model_type_details   ? 
# 
_struct_keywords.entry_id        2OMP 
_struct_keywords.pdbx_keywords   'PROTEIN FIBRIL' 
_struct_keywords.text            'steric zipper, antiparallel beta-sheet, PROTEIN FIBRIL' 
# 
loop_
_struct_asym.id 
_struct_asym.pdbx_blank_PDB_chainid_flag 
_struct_asym.pdbx_modified 
_struct_asym.entity_id 
_struct_asym.details 
A N N 1 ? 
B N N 1 ? 
C N N 2 ? 
D N N 2 ? 
# 
_struct_ref.id                         1 
_struct_ref.entity_id                  1 
_struct_ref.db_name                    PDB 
_struct_ref.db_code                    2OMP 
_struct_ref.pdbx_db_accession          2OMP 
_struct_ref.pdbx_db_isoform            ? 
_struct_ref.pdbx_seq_one_letter_code   ? 
_struct_ref.pdbx_align_begin           ? 
# 
loop_
_struct_ref_seq.align_id 
_struct_ref_seq.ref_id 
_struct_ref_seq.pdbx_PDB_id_code 
_struct_ref_seq.pdbx_strand_id 
_struct_ref_seq.seq_align_beg 
_struct_ref_seq.pdbx_seq_align_beg_ins_code 
_struct_ref_seq.seq_align_end 
_struct_ref_seq.pdbx_seq_align_end_ins_code 
_struct_ref_seq.pdbx_db_accession 
_struct_ref_seq.db_align_beg 
_struct_ref_seq.pdbx_db_align_beg_ins_code 
_struct_ref_seq.db_align_end 
_struct_ref_seq.pdbx_db_align_end_ins_code 
_struct_ref_seq.pdbx_auth_seq_align_beg 
_struct_ref_seq.pdbx_auth_seq_align_end 
1 1 2OMP A 1 ? 6 ? 2OMP 1 ? 6 ? 1 6 
2 1 2OMP B 1 ? 6 ? 2OMP 1 ? 6 ? 1 6 
# 
_pdbx_struct_assembly.id                   1 
_pdbx_struct_assembly.details              author_defined_assembly 
_pdbx_struct_assembly.method_details       ? 
_pdbx_struct_assembly.oligomeric_details   octameric 
_pdbx_struct_assembly.oligomeric_count     8 
# 
_pdbx_struct_assembly_gen.assembly_id       1 
_pdbx_struct_assembly_gen.oper_expression   1,2,3,4 
_pdbx_struct_assembly_gen.asym_id_list      A,B,C,D 
# 
loop_
_pdbx_struct_oper_list.id 
_pdbx_struct_oper_list.type 
_pdbx_struct_oper_list.name 
_pdbx_struct_oper_list.symmetry_operation 
_pdbx_struct_oper_list.matrix[1][1] 
_pdbx_struct_oper_list.matrix[1][2] 
_pdbx_struct_oper_list.matrix[1][3] 
_pdbx_struct_oper_list.vector[1] 
_pdbx_struct_oper_list.matrix[2][1] 
_pdbx_struct_oper_list.matrix[2][2] 
_pdbx_struct_oper_list.matrix[2][3] 
_pdbx_struct_oper_list.vector[2] 
_pdbx_struct_oper_list.matrix[3][1] 
_pdbx_struct_oper_list.matrix[3][2] 
_pdbx_struct_oper_list.matrix[3][3] 
_pdbx_struct_oper_list.vector[3] 
1 'identity operation'         1_555 x,y,z     1.0000000000 0.0000000000 0.0000000000 0.0000000000  0.0000000000 1.0000000000 0.0000000000 0.0000000000  0.0000000000 0.0000000000 1.0000000000 0.0000000000  
2 'crystal symmetry operation' 1_655 x+1,y,z   1.0000000000 0.0000000000 0.0000000000 6.9915839513  0.0000000000 1.0000000000 0.0000000000 -6.3792327431 0.0000000000 0.0000000000 1.0000000000 1.9633388553  
3 'crystal symmetry operation' 1_556 x,y,z+1   1.0000000000 0.0000000000 0.0000000000 -8.7329694301 0.0000000000 1.0000000000 0.0000000000 -2.1494946747 0.0000000000 0.0000000000 1.0000000000 14.8323509120 
4 'crystal symmetry operation' 1_656 x+1,y,z+1 1.0000000000 0.0000000000 0.0000000000 -1.7413854787 0.0000000000 1.0000000000 0.0000000000 -8.5287274178 0.0000000000 0.0000000000 1.0000000000 16.7956897673 
# 
_struct_biol.id                    1 
_struct_biol.details               
;One sheet of the steric zipper can be generated by repeated application of the crystallographic unit cell translation along the a axis.  
The second sheet of the steric zipper can be generated by application of the crystallographic operator  X,Y,Z+1, and repeated unit cell translations of this strand along the a axis.
;
_struct_biol.pdbx_parent_biol_id   ? 
# 
_struct_sheet.id               A 
_struct_sheet.type             ? 
_struct_sheet.number_strands   2 
_struct_sheet.details          ? 
# 
_struct_sheet_order.sheet_id     A 
_struct_sheet_order.range_id_1   1 
_struct_sheet_order.range_id_2   2 
_struct_sheet_order.offset       ? 
_struct_sheet_order.sense        anti-parallel 
# 
loop_
_struct_sheet_range.sheet_id 
_struct_sheet_range.id 
_struct_sheet_range.beg_label_comp_id 
_struct_sheet_range.beg_label_asym_id 
_struct_sheet_range.beg_label_seq_id 
_struct_sheet_range.pdbx_beg_PDB_ins_code 
_struct_sheet_range.end_label_comp_id 
_struct_sheet_range.end_label_asym_id 
_struct_sheet_range.end_label_seq_id 
_struct_sheet_range.pdbx_end_PDB_ins_code 
_struct_sheet_range.beg_auth_comp_id 
_struct_sheet_range.beg_auth_asym_id 
_struct_sheet_range.beg_auth_seq_id 
_struct_sheet_range.end_auth_comp_id 
_struct_sheet_range.end_auth_asym_id 
_struct_sheet_range.end_auth_seq_id 
A 1 TYR A 2 ? GLU A 5 ? TYR A 2 GLU A 5 
A 2 TYR B 2 ? GLU B 5 ? TYR B 2 GLU B 5 
# 
_pdbx_struct_sheet_hbond.sheet_id                A 
_pdbx_struct_sheet_hbond.range_id_1              1 
_pdbx_struct_sheet_hbond.range_id_2              2 
_pdbx_struct_sheet_hbond.range_1_label_atom_id   N 
_pdbx_struct_sheet_hbond.range_1_label_comp_id   GLN 
_pdbx_struct_sheet_hbond.range_1_label_asym_id   A 
_pdbx_struct_sheet_hbond.range_1_label_seq_id    3 
_pdbx_struct_sheet_hbond.range_1_PDB_ins_code    ? 
_pdbx_struct_sheet_hbond.range_1_auth_atom_id    N 
_pdbx_struct_sheet_hbond.range_1_auth_comp_id    GLN 
_pdbx_struct_sheet_hbond.range_1_auth_asym_id    A 
_pdbx_struct_sheet_hbond.range_1_auth_seq_id     3 
_pdbx_struct_sheet_hbond.range_2_label_atom_id   O 
_pdbx_struct_sheet_hbond.range_2_label_comp_id   LEU 
_pdbx_struct_sheet_hbond.range_2_label_asym_id   B 
_pdbx_struct_sheet_hbond.range_2_label_seq_id    4 
_pdbx_struct_sheet_hbond.range_2_PDB_ins_code    ? 
_pdbx_struct_sheet_hbond.range_2_auth_atom_id    O 
_pdbx_struct_sheet_hbond.range_2_auth_comp_id    LEU 
_pdbx_struct_sheet_hbond.range_2_auth_asym_id    B 
_pdbx_struct_sheet_hbond.range_2_auth_seq_id     4 
# 
loop_
_pdbx_refine_tls.id 
_pdbx_refine_tls.details 
_pdbx_refine_tls.method 
_pdbx_refine_tls.origin_x 
_pdbx_refine_tls.origin_y 
_pdbx_refine_tls.origin_z 
_pdbx_refine_tls.T[1][1] 
_pdbx_refine_tls.T[2][2] 
_pdbx_refine_tls.T[3][3] 
_pdbx_refine_tls.T[1][2] 
_pdbx_refine_tls.T[1][3] 
_pdbx_refine_tls.T[2][3] 
_pdbx_refine_tls.L[1][1] 
_pdbx_refine_tls.L[2][2] 
_pdbx_refine_tls.L[3][3] 
_pdbx_refine_tls.L[1][2] 
_pdbx_refine_tls.L[1][3] 
_pdbx_refine_tls.L[2][3] 
_pdbx_refine_tls.S[1][1] 
_pdbx_refine_tls.S[2][2] 
_pdbx_refine_tls.S[3][3] 
_pdbx_refine_tls.S[1][2] 
_pdbx_refine_tls.S[1][3] 
_pdbx_refine_tls.S[2][3] 
_pdbx_refine_tls.S[2][1] 
_pdbx_refine_tls.S[3][1] 
_pdbx_refine_tls.S[3][2] 
_pdbx_refine_tls.pdbx_refine_id 
1 ? refined -1.5351 1.4918  -0.8146 0.0073  -0.0108 -0.0023 -0.0106 0.0153 0.0308 7.1608 3.7093 0.1940 5.1173 -1.1741 -0.8298 0.0078 0.0221 -0.0299 0.0923  0.0052 0.0791 0.0959  -0.0625 0.0824  'X-RAY DIFFRACTION' 
2 ? refined 1.9812  -1.6751 0.7962  -0.0209 -0.0213 0.0179  0.0098  0.0053 0.0095 8.4505 3.0623 0.3630 5.0819 -1.6842 -0.9999 0.0677 0.0397 -0.1074 -0.0169 0.1448 0.2199 -0.0507 -0.0404 -0.0133 'X-RAY DIFFRACTION' 
# 
loop_
_pdbx_refine_tls_group.id 
_pdbx_refine_tls_group.refine_tls_id 
_pdbx_refine_tls_group.beg_label_asym_id 
_pdbx_refine_tls_group.beg_label_seq_id 
_pdbx_refine_tls_group.end_label_asym_id 
_pdbx_refine_tls_group.end_label_seq_id 
_pdbx_refine_tls_group.selection 
_pdbx_refine_tls_group.beg_auth_asym_id 
_pdbx_refine_tls_group.beg_auth_seq_id 
_pdbx_refine_tls_group.end_auth_asym_id 
_pdbx_refine_tls_group.end_auth_seq_id 
_pdbx_refine_tls_group.pdbx_refine_id 
_pdbx_refine_tls_group.selection_details 
1 1 A 1 A 6 ALL A 1 A 6 'X-RAY DIFFRACTION' ? 
2 2 B 1 B 6 ALL B 1 B 6 'X-RAY DIFFRACTION' ? 
# 
loop_
_chem_comp_atom.comp_id 
_chem_comp_atom.atom_id 
_chem_comp_atom.type_symbol 
_chem_comp_atom.pdbx_aromatic_flag 
_chem_comp_atom.pdbx_stereo_config 
_chem_comp_atom.pdbx_ordinal 
ASN N    N N N 1   
ASN CA   C N S 2   
ASN C    C N N 3   
ASN O    O N N 4   
ASN CB   C N N 5   
ASN CG   C N N 6   
ASN OD1  O N N 7   
ASN ND2  N N N 8   
ASN OXT  O N N 9   
ASN H    H N N 10  
ASN H2   H N N 11  
ASN HA   H N N 12  
ASN HB2  H N N 13  
ASN HB3  H N N 14  
ASN HD21 H N N 15  
ASN HD22 H N N 16  
ASN HXT  H N N 17  
GLN N    N N N 18  
GLN CA   C N S 19  
GLN C    C N N 20  
GLN O    O N N 21  
GLN CB   C N N 22  
GLN CG   C N N 23  
GLN CD   C N N 24  
GLN OE1  O N N 25  
GLN NE2  N N N 26  
GLN OXT  O N N 27  
GLN H    H N N 28  
GLN H2   H N N 29  
GLN HA   H N N 30  
GLN HB2  H N N 31  
GLN HB3  H N N 32  
GLN HG2  H N N 33  
GLN HG3  H N N 34  
GLN HE21 H N N 35  
GLN HE22 H N N 36  
GLN HXT  H N N 37  
GLU N    N N N 38  
GLU CA   C N S 39  
GLU C    C N N 40  
GLU O    O N N 41  
GLU CB   C N N 42  
GLU CG   C N N 43  
GLU CD   C N N 44  
GLU OE1  O N N 45  
GLU OE2  O N N 46  
GLU OXT  O N N 47  
GLU H    H N N 48  
GLU H2   H N N 49  
GLU HA   H N N 50  
GLU HB2  H N N 51  
GLU HB3  H N N 52  
GLU HG2  H N N 53  
GLU HG3  H N N 54  
GLU HE2  H N N 55  
GLU HXT  H N N 56  
HOH O    O N N 57  
HOH H1   H N N 58  
HOH H2   H N N 59  
LEU N    N N N 60  
LEU CA   C N S 61  
LEU C    C N N 62  
LEU O    O N N 63  
LEU CB   C N N 64  
LEU CG   C N N 65  
LEU CD1  C N N 66  
LEU CD2  C N N 67  
LEU OXT  O N N 68  
LEU H    H N N 69  
LEU H2   H N N 70  
LEU HA   H N N 71  
LEU HB2  H N N 72  
LEU HB3  H N N 73  
LEU HG   H N N 74  
LEU HD11 H N N 75  
LEU HD12 H N N 76  
LEU HD13 H N N 77  
LEU HD21 H N N 78  
LEU HD22 H N N 79  
LEU HD23 H N N 80  
LEU HXT  H N N 81  
TYR N    N N N 82  
TYR CA   C N S 83  
TYR C    C N N 84  
TYR O    O N N 85  
TYR CB   C N N 86  
TYR CG   C Y N 87  
TYR CD1  C Y N 88  
TYR CD2  C Y N 89  
TYR CE1  C Y N 90  
TYR CE2  C Y N 91  
TYR CZ   C Y N 92  
TYR OH   O N N 93  
TYR OXT  O N N 94  
TYR H    H N N 95  
TYR H2   H N N 96  
TYR HA   H N N 97  
TYR HB2  H N N 98  
TYR HB3  H N N 99  
TYR HD1  H N N 100 
TYR HD2  H N N 101 
TYR HE1  H N N 102 
TYR HE2  H N N 103 
TYR HH   H N N 104 
TYR HXT  H N N 105 
# 
loop_
_chem_comp_bond.comp_id 
_chem_comp_bond.atom_id_1 
_chem_comp_bond.atom_id_2 
_chem_comp_bond.value_order 
_chem_comp_bond.pdbx_aromatic_flag 
_chem_comp_bond.pdbx_stereo_config 
_chem_comp_bond.pdbx_ordinal 
ASN N   CA   sing N N 1   
ASN N   H    sing N N 2   
ASN N   H2   sing N N 3   
ASN CA  C    sing N N 4   
ASN CA  CB   sing N N 5   
ASN CA  HA   sing N N 6   
ASN C   O    doub N N 7   
ASN C   OXT  sing N N 8   
ASN CB  CG   sing N N 9   
ASN CB  HB2  sing N N 10  
ASN CB  HB3  sing N N 11  
ASN CG  OD1  doub N N 12  
ASN CG  ND2  sing N N 13  
ASN ND2 HD21 sing N N 14  
ASN ND2 HD22 sing N N 15  
ASN OXT HXT  sing N N 16  
GLN N   CA   sing N N 17  
GLN N   H    sing N N 18  
GLN N   H2   sing N N 19  
GLN CA  C    sing N N 20  
GLN CA  CB   sing N N 21  
GLN CA  HA   sing N N 22  
GLN C   O    doub N N 23  
GLN C   OXT  sing N N 24  
GLN CB  CG   sing N N 25  
GLN CB  HB2  sing N N 26  
GLN CB  HB3  sing N N 27  
GLN CG  CD   sing N N 28  
GLN CG  HG2  sing N N 29  
GLN CG  HG3  sing N N 30  
GLN CD  OE1  doub N N 31  
GLN CD  NE2  sing N N 32  
GLN NE2 HE21 sing N N 33  
GLN NE2 HE22 sing N N 34  
GLN OXT HXT  sing N N 35  
GLU N   CA   sing N N 36  
GLU N   H    sing N N 37  
GLU N   H2   sing N N 38  
GLU CA  C    sing N N 39  
GLU CA  CB   sing N N 40  
GLU CA  HA   sing N N 41  
GLU C   O    doub N N 42  
GLU C   OXT  sing N N 43  
GLU CB  CG   sing N N 44  
GLU CB  HB2  sing N N 45  
GLU CB  HB3  sing N N 46  
GLU CG  CD   sing N N 47  
GLU CG  HG2  sing N N 48  
GLU CG  HG3  sing N N 49  
GLU CD  OE1  doub N N 50  
GLU CD  OE2  sing N N 51  
GLU OE2 HE2  sing N N 52  
GLU OXT HXT  sing N N 53  
HOH O   H1   sing N N 54  
HOH O   H2   sing N N 55  
LEU N   CA   sing N N 56  
LEU N   H    sing N N 57  
LEU N   H2   sing N N 58  
LEU CA  C    sing N N 59  
LEU CA  CB   sing N N 60  
LEU CA  HA   sing N N 61  
LEU C   O    doub N N 62  
LEU C   OXT  sing N N 63  
LEU CB  CG   sing N N 64  
LEU CB  HB2  sing N N 65  
LEU CB  HB3  sing N N 66  
LEU CG  CD1  sing N N 67  
LEU CG  CD2  sing N N 68  
LEU CG  HG   sing N N 69  
LEU CD1 HD11 sing N N 70  
LEU CD1 HD12 sing N N 71  
LEU CD1 HD13 sing N N 72  
LEU CD2 HD21 sing N N 73  
LEU CD2 HD22 sing N N 74  
LEU CD2 HD23 sing N N 75  
LEU OXT HXT  sing N N 76  
TYR N   CA   sing N N 77  
TYR N   H    sing N N 78  
TYR N   H2   sing N N 79  
TYR CA  C    sing N N 80  
TYR CA  CB   sing N N 81  
TYR CA  HA   sing N N 82  
TYR C   O    doub N N 83  
TYR C   OXT  sing N N 84  
TYR CB  CG   sing N N 85  
TYR CB  HB2  sing N N 86  
TYR CB  HB3  sing N N 87  
TYR CG  CD1  doub Y N 88  
TYR CG  CD2  sing Y N 89  
TYR CD1 CE1  sing Y N 90  
TYR CD1 HD1  sing N N 91  
TYR CD2 CE2  doub Y N 92  
TYR CD2 HD2  sing N N 93  
TYR CE1 CZ   doub Y N 94  
TYR CE1 HE1  sing N N 95  
TYR CE2 CZ   sing Y N 96  
TYR CE2 HE2  sing N N 97  
TYR CZ  OH   sing N N 98  
TYR OH  HH   sing N N 99  
TYR OXT HXT  sing N N 100 
# 
_pdbx_initial_refinement_model.accession_code   ? 
_pdbx_initial_refinement_model.id               1 
_pdbx_initial_refinement_model.entity_id_list   ? 
_pdbx_initial_refinement_model.type             'in silico model' 
_pdbx_initial_refinement_model.source_name      Other 
_pdbx_initial_refinement_model.details          'idealized beta strands, polyalanine' 
# 
_atom_sites.entry_id                    2OMP 
_atom_sites.fract_transf_matrix[1][1]   0.06999937 
_atom_sites.fract_transf_matrix[1][2]   -0.07050183 
_atom_sites.fract_transf_matrix[1][3]   0.03098903 
_atom_sites.fract_transf_matrix[2][1]   0.01936811 
_atom_sites.fract_transf_matrix[2][2]   0.02589177 
_atom_sites.fract_transf_matrix[2][3]   0.01515575 
_atom_sites.fract_transf_matrix[3][1]   -0.02478444 
_atom_sites.fract_transf_matrix[3][2]   -0.01141411 
_atom_sites.fract_transf_matrix[3][3]   0.05117263 
_atom_sites.fract_transf_vector[1]      0.344599 
_atom_sites.fract_transf_vector[2]      0.073920 
_atom_sites.fract_transf_vector[3]      -0.036623 
# 
loop_
_atom_type.symbol 
C 
N 
O 
# 
loop_
_atom_site.group_PDB 
_atom_site.id 
_atom_site.type_symbol 
_atom_site.label_atom_id 
_atom_site.label_alt_id 
_atom_site.label_comp_id 
_atom_site.label_asym_id 
_atom_site.label_entity_id 
_atom_site.label_seq_id 
_atom_site.pdbx_PDB_ins_code 
_atom_site.Cartn_x 
_atom_site.Cartn_y 
_atom_site.Cartn_z 
_atom_site.occupancy 
_atom_site.B_iso_or_equiv 
_atom_site.pdbx_formal_charge 
_atom_site.auth_seq_id 
_atom_site.auth_comp_id 
_atom_site.auth_asym_id 
_atom_site.auth_atom_id 
_atom_site.pdbx_PDB_model_num 
ATOM   1   N N   . LEU A 1 1 ? -8.036 -3.817 4.315  1.00 8.72  ? 1 LEU A N   1 
ATOM   2   C CA  . LEU A 1 1 ? -7.268 -2.603 4.008  1.00 2.62  ? 1 LEU A CA  1 
ATOM   3   C C   . LEU A 1 1 ? -6.256 -2.791 2.874  1.00 2.46  ? 1 LEU A C   1 
ATOM   4   O O   . LEU A 1 1 ? -5.586 -3.826 2.803  1.00 4.40  ? 1 LEU A O   1 
ATOM   5   C CB  . LEU A 1 1 ? -6.528 -2.142 5.269  1.00 4.78  ? 1 LEU A CB  1 
ATOM   6   C CG  . LEU A 1 1 ? -5.961 -0.721 5.197  1.00 5.57  ? 1 LEU A CG  1 
ATOM   7   C CD1 . LEU A 1 1 ? -6.986 0.286  5.712  1.00 10.23 ? 1 LEU A CD1 1 
ATOM   8   C CD2 . LEU A 1 1 ? -4.655 -0.630 5.965  1.00 5.80  ? 1 LEU A CD2 1 
ATOM   9   N N   . TYR A 1 2 ? -6.162 -1.789 2.003  1.00 2.19  ? 2 TYR A N   1 
ATOM   10  C CA  . TYR A 1 2 ? -5.170 -1.706 0.933  1.00 2.30  ? 2 TYR A CA  1 
ATOM   11  C C   . TYR A 1 2 ? -4.691 -0.262 0.781  1.00 2.31  ? 2 TYR A C   1 
ATOM   12  O O   . TYR A 1 2 ? -5.512 0.644  0.600  1.00 4.67  ? 2 TYR A O   1 
ATOM   13  C CB  . TYR A 1 2 ? -5.742 -2.196 -0.393 1.00 2.60  ? 2 TYR A CB  1 
ATOM   14  C CG  . TYR A 1 2 ? -4.822 -2.122 -1.589 1.00 3.26  ? 2 TYR A CG  1 
ATOM   15  C CD1 . TYR A 1 2 ? -3.914 -3.134 -1.856 1.00 3.25  ? 2 TYR A CD1 1 
ATOM   16  C CD2 . TYR A 1 2 ? -4.860 -1.046 -2.476 1.00 8.97  ? 2 TYR A CD2 1 
ATOM   17  C CE1 . TYR A 1 2 ? -3.069 -3.079 -2.950 1.00 7.20  ? 2 TYR A CE1 1 
ATOM   18  C CE2 . TYR A 1 2 ? -4.020 -0.978 -3.580 1.00 8.44  ? 2 TYR A CE2 1 
ATOM   19  C CZ  . TYR A 1 2 ? -3.120 -2.005 -3.812 1.00 11.18 ? 2 TYR A CZ  1 
ATOM   20  O OH  . TYR A 1 2 ? -2.283 -1.966 -4.906 1.00 17.88 ? 2 TYR A OH  1 
ATOM   21  N N   . GLN A 1 3 ? -3.378 -0.072 0.843  1.00 4.22  ? 3 GLN A N   1 
ATOM   22  C CA  . GLN A 1 3 ? -2.738 1.241  0.754  1.00 2.39  ? 3 GLN A CA  1 
ATOM   23  C C   . GLN A 1 3 ? -1.557 1.229  -0.224 1.00 3.98  ? 3 GLN A C   1 
ATOM   24  O O   . GLN A 1 3 ? -0.692 0.357  -0.123 1.00 2.00  ? 3 GLN A O   1 
ATOM   25  C CB  . GLN A 1 3 ? -2.299 1.654  2.160  1.00 4.32  ? 3 GLN A CB  1 
ATOM   26  C CG  . GLN A 1 3 ? -1.679 3.033  2.256  1.00 11.49 ? 3 GLN A CG  1 
ATOM   27  C CD  . GLN A 1 3 ? -0.174 2.960  2.442  1.00 18.97 ? 3 GLN A CD  1 
ATOM   28  O OE1 . GLN A 1 3 ? 0.302  2.717  3.553  1.00 26.41 ? 3 GLN A OE1 1 
ATOM   29  N NE2 . GLN A 1 3 ? 0.558  3.169  1.347  1.00 23.74 ? 3 GLN A NE2 1 
ATOM   30  N N   . LEU A 1 4 ? -1.517 2.182  -1.162 1.00 2.00  ? 4 LEU A N   1 
ATOM   31  C CA  . LEU A 1 4 ? -0.482 2.288  -2.195 1.00 4.42  ? 4 LEU A CA  1 
ATOM   32  C C   . LEU A 1 4 ? 0.057  3.715  -2.371 1.00 2.00  ? 4 LEU A C   1 
ATOM   33  O O   . LEU A 1 4 ? -0.712 4.666  -2.481 1.00 2.00  ? 4 LEU A O   1 
ATOM   34  C CB  . LEU A 1 4 ? -1.032 1.824  -3.549 1.00 2.09  ? 4 LEU A CB  1 
ATOM   35  C CG  A LEU A 1 4 ? -0.052 1.461  -4.665 0.50 2.12  ? 4 LEU A CG  1 
ATOM   36  C CG  B LEU A 1 4 ? -0.019 1.801  -4.702 0.50 2.00  ? 4 LEU A CG  1 
ATOM   37  C CD1 A LEU A 1 4 ? -0.696 0.437  -5.593 0.50 6.19  ? 4 LEU A CD1 1 
ATOM   38  C CD1 B LEU A 1 4 ? 1.079  0.767  -4.463 0.50 4.19  ? 4 LEU A CD1 1 
ATOM   39  C CD2 A LEU A 1 4 ? 0.397  2.671  -5.464 0.50 2.17  ? 4 LEU A CD2 1 
ATOM   40  C CD2 B LEU A 1 4 ? -0.708 1.554  -6.036 0.50 2.00  ? 4 LEU A CD2 1 
ATOM   41  N N   . GLU A 1 5 ? 1.377  3.846  -2.428 1.00 2.00  ? 5 GLU A N   1 
ATOM   42  C CA  . GLU A 1 5 ? 2.054  5.106  -2.683 1.00 2.00  ? 5 GLU A CA  1 
ATOM   43  C C   . GLU A 1 5 ? 3.186  4.909  -3.701 1.00 2.00  ? 5 GLU A C   1 
ATOM   44  O O   . GLU A 1 5 ? 3.902  3.919  -3.666 1.00 2.00  ? 5 GLU A O   1 
ATOM   45  C CB  . GLU A 1 5 ? 2.604  5.681  -1.373 1.00 4.87  ? 5 GLU A CB  1 
ATOM   46  C CG  . GLU A 1 5 ? 3.245  7.055  -1.428 1.00 2.31  ? 5 GLU A CG  1 
ATOM   47  C CD  . GLU A 1 5 ? 4.709  7.029  -1.839 1.00 5.96  ? 5 GLU A CD  1 
ATOM   48  O OE1 . GLU A 1 5 ? 5.398  6.048  -1.489 1.00 2.00  ? 5 GLU A OE1 1 
ATOM   49  O OE2 . GLU A 1 5 ? 5.164  7.962  -2.535 1.00 5.90  ? 5 GLU A OE2 1 
ATOM   50  N N   . ASN A 1 6 ? 3.340  5.897  -4.577 1.00 2.00  ? 6 ASN A N   1 
ATOM   51  C CA  . ASN A 1 6 ? 4.497  6.009  -5.464 1.00 4.85  ? 6 ASN A CA  1 
ATOM   52  C C   . ASN A 1 6 ? 4.717  7.452  -5.929 1.00 9.04  ? 6 ASN A C   1 
ATOM   53  O O   . ASN A 1 6 ? 3.893  8.349  -5.662 1.00 3.91  ? 6 ASN A O   1 
ATOM   54  C CB  . ASN A 1 6 ? 4.367  5.083  -6.681 1.00 4.48  ? 6 ASN A CB  1 
ATOM   55  C CG  . ASN A 1 6 ? 5.715  4.690  -7.289 1.00 9.19  ? 6 ASN A CG  1 
ATOM   56  O OD1 . ASN A 1 6 ? 6.692  4.423  -6.583 1.00 10.37 ? 6 ASN A OD1 1 
ATOM   57  N ND2 . ASN A 1 6 ? 5.767  4.649  -8.622 1.00 7.35  ? 6 ASN A ND2 1 
ATOM   58  O OXT . ASN A 1 6 ? 5.746  7.720  -6.580 1.00 7.69  ? 6 ASN A OXT 1 
ATOM   59  N N   . LEU B 1 1 ? 8.234  3.517  -4.164 1.00 4.08  ? 1 LEU B N   1 
ATOM   60  C CA  . LEU B 1 1 ? 7.068  2.621  -3.994 1.00 3.46  ? 1 LEU B CA  1 
ATOM   61  C C   . LEU B 1 1 ? 6.926  2.068  -2.579 1.00 2.00  ? 1 LEU B C   1 
ATOM   62  O O   . LEU B 1 1 ? 7.878  1.503  -2.043 1.00 3.02  ? 1 LEU B O   1 
ATOM   63  C CB  . LEU B 1 1 ? 7.181  1.446  -4.973 1.00 2.01  ? 1 LEU B CB  1 
ATOM   64  C CG  . LEU B 1 1 ? 6.239  0.270  -4.703 1.00 3.33  ? 1 LEU B CG  1 
ATOM   65  C CD1 . LEU B 1 1 ? 4.846  0.573  -5.228 1.00 9.96  ? 1 LEU B CD1 1 
ATOM   66  C CD2 . LEU B 1 1 ? 6.795  -0.997 -5.317 1.00 6.44  ? 1 LEU B CD2 1 
ATOM   67  N N   . TYR B 1 2 ? 5.747  2.220  -1.985 1.00 2.00  ? 2 TYR B N   1 
ATOM   68  C CA  . TYR B 1 2 ? 5.389  1.595  -0.717 1.00 3.02  ? 2 TYR B CA  1 
ATOM   69  C C   . TYR B 1 2 ? 3.986  1.003  -0.812 1.00 4.00  ? 2 TYR B C   1 
ATOM   70  O O   . TYR B 1 2 ? 3.066  1.677  -1.263 1.00 2.00  ? 2 TYR B O   1 
ATOM   71  C CB  . TYR B 1 2 ? 5.442  2.591  0.441  1.00 4.93  ? 2 TYR B CB  1 
ATOM   72  C CG  . TYR B 1 2 ? 5.349  1.946  1.808  1.00 2.85  ? 2 TYR B CG  1 
ATOM   73  C CD1 . TYR B 1 2 ? 6.418  1.234  2.331  1.00 5.08  ? 2 TYR B CD1 1 
ATOM   74  C CD2 . TYR B 1 2 ? 4.200  2.058  2.589  1.00 9.24  ? 2 TYR B CD2 1 
ATOM   75  C CE1 . TYR B 1 2 ? 6.345  0.652  3.585  1.00 8.33  ? 2 TYR B CE1 1 
ATOM   76  C CE2 . TYR B 1 2 ? 4.111  1.472  3.846  1.00 9.87  ? 2 TYR B CE2 1 
ATOM   77  C CZ  . TYR B 1 2 ? 5.191  0.767  4.344  1.00 12.47 ? 2 TYR B CZ  1 
ATOM   78  O OH  . TYR B 1 2 ? 5.131  0.174  5.594  1.00 6.46  ? 2 TYR B OH  1 
ATOM   79  N N   . GLN B 1 3 ? 3.807  -0.243 -0.386 1.00 2.00  ? 3 GLN B N   1 
ATOM   80  C CA  . GLN B 1 3 ? 2.514  -0.931 -0.550 1.00 2.00  ? 3 GLN B CA  1 
ATOM   81  C C   . GLN B 1 3 ? 2.182  -1.775 0.676  1.00 3.49  ? 3 GLN B C   1 
ATOM   82  O O   . GLN B 1 3 ? 3.039  -2.544 1.117  1.00 2.15  ? 3 GLN B O   1 
ATOM   83  C CB  . GLN B 1 3 ? 2.569  -1.793 -1.814 1.00 2.26  ? 3 GLN B CB  1 
ATOM   84  C CG  . GLN B 1 3 ? 1.411  -2.750 -2.015 1.00 7.39  ? 3 GLN B CG  1 
ATOM   85  C CD  . GLN B 1 3 ? 1.528  -3.527 -3.318 1.00 12.51 ? 3 GLN B CD  1 
ATOM   86  O OE1 . GLN B 1 3 ? 2.441  -4.329 -3.513 1.00 7.93  ? 3 GLN B OE1 1 
ATOM   87  N NE2 . GLN B 1 3 ? 0.594  -3.300 -4.232 1.00 7.86  ? 3 GLN B NE2 1 
ATOM   88  N N   . LEU B 1 4 ? 0.969  -1.635 1.220  1.00 2.00  ? 4 LEU B N   1 
ATOM   89  C CA  . LEU B 1 4 ? 0.512  -2.383 2.394  1.00 2.38  ? 4 LEU B CA  1 
ATOM   90  C C   . LEU B 1 4 ? -0.866 -3.026 2.191  1.00 2.00  ? 4 LEU B C   1 
ATOM   91  O O   . LEU B 1 4 ? -1.835 -2.342 1.885  1.00 2.00  ? 4 LEU B O   1 
ATOM   92  C CB  . LEU B 1 4 ? 0.479  -1.456 3.608  1.00 4.50  ? 4 LEU B CB  1 
ATOM   93  C CG  . LEU B 1 4 ? 0.393  -2.065 5.001  1.00 4.95  ? 4 LEU B CG  1 
ATOM   94  C CD1 . LEU B 1 4 ? 1.564  -2.986 5.287  1.00 9.89  ? 4 LEU B CD1 1 
ATOM   95  C CD2 . LEU B 1 4 ? 0.337  -0.956 6.043  1.00 8.34  ? 4 LEU B CD2 1 
ATOM   96  N N   . GLU B 1 5 ? -0.947 -4.340 2.365  1.00 3.35  ? 5 GLU B N   1 
ATOM   97  C CA  . GLU B 1 5 ? -2.163 -5.130 2.215  1.00 2.00  ? 5 GLU B CA  1 
ATOM   98  C C   . GLU B 1 5 ? -2.532 -5.775 3.542  1.00 2.11  ? 5 GLU B C   1 
ATOM   99  O O   . GLU B 1 5 ? -1.731 -6.516 3.973  1.00 2.00  ? 5 GLU B O   1 
ATOM   100 C CB  . GLU B 1 5 ? -1.961 -6.238 1.169  1.00 2.13  ? 5 GLU B CB  1 
ATOM   101 C CG  . GLU B 1 5 ? -1.918 -5.772 -0.272 1.00 4.40  ? 5 GLU B CG  1 
ATOM   102 C CD  . GLU B 1 5 ? -1.477 -6.808 -1.289 1.00 8.02  ? 5 GLU B CD  1 
ATOM   103 O OE1 . GLU B 1 5 ? -1.777 -8.012 -1.122 1.00 6.89  ? 5 GLU B OE1 1 
ATOM   104 O OE2 . GLU B 1 5 ? -0.837 -6.422 -2.294 1.00 10.55 ? 5 GLU B OE2 1 
ATOM   105 N N   . ASN B 1 6 ? -3.705 -5.455 4.086  1.00 3.19  ? 6 ASN B N   1 
ATOM   106 C CA  . ASN B 1 6 ? -4.213 -6.108 5.300  1.00 6.76  ? 6 ASN B CA  1 
ATOM   107 C C   . ASN B 1 6 ? -5.680 -6.524 5.127  1.00 7.60  ? 6 ASN B C   1 
ATOM   108 O O   . ASN B 1 6 ? -6.582 -5.887 5.701  1.00 7.81  ? 6 ASN B O   1 
ATOM   109 C CB  . ASN B 1 6 ? -4.050 -5.176 6.511  1.00 8.41  ? 6 ASN B CB  1 
ATOM   110 C CG  . ASN B 1 6 ? -4.661 -5.704 7.806  1.00 10.45 ? 6 ASN B CG  1 
ATOM   111 O OD1 . ASN B 1 6 ? -4.485 -6.868 8.170  1.00 9.02  ? 6 ASN B OD1 1 
ATOM   112 N ND2 . ASN B 1 6 ? -5.380 -4.847 8.535  1.00 6.77  ? 6 ASN B ND2 1 
ATOM   113 O OXT . ASN B 1 6 ? -5.988 -7.493 4.416  1.00 4.10  ? 6 ASN B OXT 1 
HETATM 114 O O   . HOH C 2 . ? 5.362  9.612  -8.772 1.00 16.53 ? 7 HOH A O   1 
HETATM 115 O O   . HOH C 2 . ? 9.554  6.454  -9.379 1.00 31.20 ? 8 HOH A O   1 
HETATM 116 O O   . HOH C 2 . ? 8.841  7.446  -7.068 1.00 26.23 ? 9 HOH A O   1 
HETATM 117 O O   . HOH D 2 . ? -8.286 -7.085 7.815  1.00 25.35 ? 7 HOH B O   1 
HETATM 118 O O   . HOH D 2 . ? -9.845 -8.889 7.802  1.00 25.83 ? 8 HOH B O   1 
HETATM 119 O O   . HOH D 2 . ? -3.278 -9.622 8.578  1.00 16.48 ? 9 HOH B O   1 
# 
